data_4K49
#
_entry.id   4K49
#
_cell.length_a   97.921
_cell.length_b   117.609
_cell.length_c   48.044
_cell.angle_alpha   90.00
_cell.angle_beta   90.00
_cell.angle_gamma   90.00
#
_symmetry.space_group_name_H-M   'P 21 21 2'
#
loop_
_entity.id
_entity.type
_entity.pdbx_description
1 polymer 'Esterase YdiI'
2 non-polymer '2,4-dihydroxyphenacyl coenzyme A'
3 water water
#
_entity_poly.entity_id   1
_entity_poly.type   'polypeptide(L)'
_entity_poly.pdbx_seq_one_letter_code
;MIWKRKITLEALNAMGEGNMVGFLDIRFEHIGDDTLEATMPVDSRTKQPFGLLHGGASVVLAESIGSVAGYLCTEGEQKV
VGLEINANHVRSAREGRVRGVCKPLHLGSRHQVWQIEIFDEKGRLCCSSRLTTAIL
;
_entity_poly.pdbx_strand_id   C,B,D,A
#
# COMPACT_ATOMS: atom_id res chain seq x y z
N MET A 1 16.87 3.10 -24.14
CA MET A 1 15.68 3.72 -23.56
C MET A 1 14.56 2.69 -23.36
N ILE A 2 13.71 2.92 -22.38
CA ILE A 2 12.63 1.98 -22.08
C ILE A 2 11.39 2.21 -22.95
N TRP A 3 11.28 3.37 -23.57
CA TRP A 3 10.06 3.72 -24.30
C TRP A 3 9.92 2.92 -25.60
N LYS A 4 8.68 2.61 -25.95
CA LYS A 4 8.38 1.97 -27.23
C LYS A 4 7.67 2.98 -28.12
N ARG A 5 7.02 3.96 -27.50
CA ARG A 5 6.36 5.03 -28.24
C ARG A 5 7.25 6.25 -28.22
N LYS A 6 7.44 6.87 -29.39
CA LYS A 6 8.18 8.12 -29.47
C LYS A 6 7.21 9.27 -29.32
N ILE A 7 7.47 10.16 -28.37
CA ILE A 7 6.61 11.32 -28.18
C ILE A 7 7.44 12.54 -27.83
N THR A 8 7.00 13.70 -28.29
CA THR A 8 7.64 14.94 -27.90
C THR A 8 7.05 15.42 -26.58
N LEU A 9 7.78 16.26 -25.86
CA LEU A 9 7.28 16.86 -24.63
C LEU A 9 6.01 17.65 -24.92
N GLU A 10 5.99 18.35 -26.06
CA GLU A 10 4.81 19.09 -26.50
C GLU A 10 3.60 18.19 -26.64
N ALA A 11 3.78 17.07 -27.32
CA ALA A 11 2.67 16.16 -27.58
C ALA A 11 2.25 15.49 -26.27
N LEU A 12 3.21 15.20 -25.41
CA LEU A 12 2.90 14.61 -24.11
C LEU A 12 2.05 15.58 -23.30
N ASN A 13 2.44 16.85 -23.30
CA ASN A 13 1.67 17.85 -22.58
C ASN A 13 0.29 18.11 -23.19
N ALA A 14 0.17 17.94 -24.51
CA ALA A 14 -1.11 18.14 -25.17
C ALA A 14 -2.14 17.11 -24.71
N MET A 15 -1.69 15.94 -24.25
CA MET A 15 -2.60 14.86 -23.82
C MET A 15 -3.50 15.28 -22.66
N GLY A 16 -3.02 16.22 -21.84
CA GLY A 16 -3.71 16.64 -20.64
C GLY A 16 -4.79 17.68 -20.89
N GLU A 17 -4.82 18.26 -22.08
CA GLU A 17 -5.78 19.34 -22.35
C GLU A 17 -7.21 18.81 -22.25
N GLY A 18 -8.02 19.44 -21.41
CA GLY A 18 -9.42 19.09 -21.33
C GLY A 18 -9.71 17.88 -20.46
N ASN A 19 -8.72 17.43 -19.69
CA ASN A 19 -8.95 16.41 -18.67
C ASN A 19 -8.25 16.82 -17.37
N MET A 20 -8.27 15.93 -16.37
CA MET A 20 -7.75 16.29 -15.05
C MET A 20 -6.30 16.75 -15.07
N VAL A 21 -5.49 16.13 -15.91
CA VAL A 21 -4.08 16.52 -16.04
C VAL A 21 -3.96 18.01 -16.35
N GLY A 22 -4.70 18.46 -17.36
CA GLY A 22 -4.72 19.86 -17.73
C GLY A 22 -5.34 20.73 -16.64
N PHE A 23 -6.40 20.25 -16.00
CA PHE A 23 -7.09 21.07 -15.00
C PHE A 23 -6.26 21.37 -13.75
N LEU A 24 -5.33 20.48 -13.41
CA LEU A 24 -4.48 20.69 -12.25
C LEU A 24 -3.13 21.29 -12.63
N ASP A 25 -3.00 21.71 -13.89
CA ASP A 25 -1.75 22.32 -14.38
C ASP A 25 -0.57 21.39 -14.15
N ILE A 26 -0.79 20.10 -14.36
CA ILE A 26 0.31 19.15 -14.34
C ILE A 26 1.09 19.28 -15.64
N ARG A 27 2.39 19.54 -15.51
CA ARG A 27 3.24 19.82 -16.67
C ARG A 27 4.40 18.85 -16.73
N PHE A 28 4.46 18.08 -17.80
CA PHE A 28 5.64 17.24 -18.00
C PHE A 28 6.80 18.10 -18.45
N GLU A 29 7.93 17.93 -17.75
CA GLU A 29 9.08 18.81 -17.97
C GLU A 29 10.31 18.07 -18.49
N HIS A 30 10.37 16.75 -18.31
CA HIS A 30 11.52 15.99 -18.82
C HIS A 30 11.19 14.56 -19.15
N ILE A 31 11.57 14.12 -20.34
CA ILE A 31 11.50 12.72 -20.72
C ILE A 31 12.91 12.18 -20.78
N GLY A 32 13.30 11.40 -19.77
CA GLY A 32 14.62 10.79 -19.76
C GLY A 32 14.58 9.47 -20.50
N ASP A 33 15.72 8.80 -20.60
CA ASP A 33 15.76 7.50 -21.28
C ASP A 33 15.02 6.44 -20.48
N ASP A 34 14.91 6.66 -19.17
CA ASP A 34 14.24 5.70 -18.31
C ASP A 34 13.50 6.36 -17.16
N THR A 35 13.27 7.67 -17.27
CA THR A 35 12.51 8.39 -16.25
C THR A 35 11.55 9.36 -16.92
N LEU A 36 10.54 9.81 -16.17
CA LEU A 36 9.60 10.81 -16.66
C LEU A 36 9.36 11.76 -15.49
N GLU A 37 9.28 13.05 -15.77
CA GLU A 37 9.17 14.04 -14.70
C GLU A 37 8.09 15.08 -15.02
N ALA A 38 7.26 15.39 -14.03
CA ALA A 38 6.20 16.39 -14.17
C ALA A 38 6.05 17.19 -12.89
N THR A 39 5.60 18.43 -13.02
CA THR A 39 5.35 19.26 -11.87
C THR A 39 3.86 19.61 -11.76
N MET A 40 3.45 20.11 -10.59
CA MET A 40 2.06 20.41 -10.30
C MET A 40 2.05 21.51 -9.24
N PRO A 41 1.17 22.51 -9.38
CA PRO A 41 1.20 23.59 -8.40
C PRO A 41 0.50 23.20 -7.10
N VAL A 42 0.87 23.90 -6.03
CA VAL A 42 0.16 23.81 -4.76
C VAL A 42 -0.68 25.07 -4.62
N ASP A 43 -1.97 24.96 -4.89
CA ASP A 43 -2.87 26.12 -4.80
C ASP A 43 -4.30 25.66 -4.62
N SER A 44 -5.27 26.54 -4.84
CA SER A 44 -6.65 26.20 -4.53
C SER A 44 -7.15 24.96 -5.26
N ARG A 45 -6.58 24.68 -6.43
CA ARG A 45 -7.03 23.52 -7.21
C ARG A 45 -6.55 22.21 -6.61
N THR A 46 -5.56 22.28 -5.73
CA THR A 46 -4.89 21.06 -5.24
C THR A 46 -4.67 21.03 -3.73
N LYS A 47 -5.22 22.02 -3.01
CA LYS A 47 -5.07 22.01 -1.55
C LYS A 47 -6.23 21.35 -0.83
N GLN A 48 -6.01 20.94 0.41
CA GLN A 48 -7.09 20.46 1.27
C GLN A 48 -7.56 21.63 2.14
N PRO A 49 -8.66 21.45 2.90
CA PRO A 49 -9.23 22.63 3.56
C PRO A 49 -8.37 23.30 4.63
N PHE A 50 -7.27 22.67 5.06
CA PHE A 50 -6.42 23.29 6.07
C PHE A 50 -5.13 23.88 5.51
N GLY A 51 -5.08 24.10 4.20
CA GLY A 51 -3.96 24.81 3.59
C GLY A 51 -2.79 23.96 3.12
N LEU A 52 -2.90 22.64 3.23
CA LEU A 52 -1.83 21.76 2.73
C LEU A 52 -2.14 21.29 1.32
N LEU A 53 -1.10 20.86 0.61
CA LEU A 53 -1.32 20.10 -0.61
C LEU A 53 -2.14 18.86 -0.26
N HIS A 54 -3.26 18.67 -0.95
CA HIS A 54 -4.16 17.55 -0.73
C HIS A 54 -3.39 16.26 -1.03
N GLY A 55 -3.49 15.29 -0.13
CA GLY A 55 -2.82 14.02 -0.32
C GLY A 55 -3.25 13.36 -1.63
N GLY A 56 -4.52 13.56 -1.98
CA GLY A 56 -5.07 12.99 -3.21
C GLY A 56 -4.44 13.64 -4.42
N ALA A 57 -4.13 14.93 -4.30
CA ALA A 57 -3.52 15.63 -5.42
C ALA A 57 -2.12 15.07 -5.70
N SER A 58 -1.37 14.76 -4.66
CA SER A 58 -0.08 14.09 -4.83
C SER A 58 -0.27 12.76 -5.57
N VAL A 59 -1.31 12.03 -5.21
CA VAL A 59 -1.56 10.76 -5.88
C VAL A 59 -2.02 10.97 -7.33
N VAL A 60 -2.72 12.08 -7.59
CA VAL A 60 -3.10 12.35 -8.98
C VAL A 60 -1.84 12.54 -9.83
N LEU A 61 -0.89 13.29 -9.29
CA LEU A 61 0.38 13.48 -9.97
C LEU A 61 1.10 12.14 -10.18
N ALA A 62 1.19 11.32 -9.13
CA ALA A 62 1.85 10.03 -9.25
C ALA A 62 1.17 9.13 -10.28
N GLU A 63 -0.14 9.03 -10.22
CA GLU A 63 -0.81 8.15 -11.17
C GLU A 63 -0.77 8.71 -12.59
N SER A 64 -0.78 10.04 -12.73
CA SER A 64 -0.66 10.66 -14.06
C SER A 64 0.68 10.34 -14.72
N ILE A 65 1.77 10.52 -13.97
CA ILE A 65 3.10 10.28 -14.54
C ILE A 65 3.31 8.78 -14.78
N GLY A 66 3.04 7.96 -13.77
CA GLY A 66 3.23 6.53 -13.91
C GLY A 66 2.40 5.88 -15.01
N SER A 67 1.14 6.29 -15.13
CA SER A 67 0.26 5.73 -16.14
C SER A 67 0.70 6.10 -17.55
N VAL A 68 1.11 7.35 -17.76
CA VAL A 68 1.48 7.72 -19.12
C VAL A 68 2.85 7.16 -19.45
N ALA A 69 3.72 7.07 -18.44
CA ALA A 69 5.00 6.39 -18.62
C ALA A 69 4.73 4.96 -19.05
N GLY A 70 3.77 4.32 -18.39
CA GLY A 70 3.46 2.94 -18.71
C GLY A 70 2.97 2.85 -20.14
N TYR A 71 2.08 3.76 -20.50
CA TYR A 71 1.51 3.81 -21.85
C TYR A 71 2.61 3.90 -22.90
N LEU A 72 3.59 4.74 -22.61
CA LEU A 72 4.69 4.97 -23.53
C LEU A 72 5.62 3.74 -23.60
N CYS A 73 5.44 2.81 -22.66
CA CYS A 73 6.17 1.54 -22.72
C CYS A 73 5.37 0.41 -23.37
N THR A 74 4.23 0.75 -23.95
CA THR A 74 3.49 -0.21 -24.78
C THR A 74 3.54 0.26 -26.23
N GLU A 75 2.94 -0.50 -27.13
CA GLU A 75 2.97 -0.10 -28.54
C GLU A 75 1.65 -0.36 -29.24
N GLY A 76 1.46 0.31 -30.38
CA GLY A 76 0.26 0.17 -31.17
C GLY A 76 -0.99 0.42 -30.36
N GLU A 77 -1.93 -0.52 -30.42
CA GLU A 77 -3.21 -0.26 -29.76
C GLU A 77 -3.36 -0.78 -28.34
N GLN A 78 -2.26 -1.22 -27.76
CA GLN A 78 -2.27 -1.56 -26.35
C GLN A 78 -2.68 -0.34 -25.53
N LYS A 79 -3.41 -0.59 -24.44
CA LYS A 79 -3.76 0.46 -23.50
C LYS A 79 -3.17 0.11 -22.13
N VAL A 80 -3.06 1.13 -21.29
CA VAL A 80 -2.55 0.95 -19.94
C VAL A 80 -3.55 1.62 -19.01
N VAL A 81 -3.96 0.93 -17.95
CA VAL A 81 -4.79 1.53 -16.91
C VAL A 81 -4.15 1.32 -15.55
N GLY A 82 -4.43 2.22 -14.61
CA GLY A 82 -3.96 2.04 -13.24
C GLY A 82 -4.73 0.90 -12.58
N LEU A 83 -4.01 -0.01 -11.94
CA LEU A 83 -4.64 -1.15 -11.27
C LEU A 83 -4.65 -0.96 -9.75
N GLU A 84 -3.50 -0.54 -9.21
CA GLU A 84 -3.38 -0.32 -7.77
C GLU A 84 -2.42 0.81 -7.54
N ILE A 85 -2.76 1.73 -6.64
CA ILE A 85 -1.86 2.83 -6.37
C ILE A 85 -1.70 2.96 -4.87
N ASN A 86 -0.50 3.30 -4.42
CA ASN A 86 -0.29 3.56 -3.00
C ASN A 86 0.74 4.65 -2.83
N ALA A 87 0.73 5.30 -1.66
CA ALA A 87 1.61 6.44 -1.42
C ALA A 87 1.79 6.69 0.06
N ASN A 88 2.96 7.19 0.43
CA ASN A 88 3.19 7.65 1.78
C ASN A 88 3.37 9.16 1.71
N HIS A 89 2.63 9.89 2.54
CA HIS A 89 2.76 11.33 2.62
C HIS A 89 3.80 11.67 3.69
N VAL A 90 5.06 11.86 3.27
CA VAL A 90 6.15 12.00 4.23
C VAL A 90 6.39 13.44 4.68
N ARG A 91 6.01 14.40 3.84
CA ARG A 91 6.16 15.82 4.19
C ARG A 91 5.09 16.64 3.49
N SER A 92 4.53 17.61 4.20
CA SER A 92 3.48 18.43 3.64
C SER A 92 4.07 19.53 2.75
N ALA A 93 3.26 20.09 1.85
CA ALA A 93 3.66 21.26 1.07
C ALA A 93 2.53 22.28 1.14
N ARG A 94 2.86 23.56 1.01
CA ARG A 94 1.87 24.62 1.22
C ARG A 94 1.83 25.62 0.06
N GLU A 95 2.89 25.67 -0.74
CA GLU A 95 2.97 26.65 -1.83
C GLU A 95 3.92 26.19 -2.92
N GLY A 96 4.01 26.94 -4.01
CA GLY A 96 4.95 26.64 -5.07
C GLY A 96 4.49 25.49 -5.94
N ARG A 97 5.44 24.73 -6.45
CA ARG A 97 5.13 23.57 -7.26
C ARG A 97 5.82 22.38 -6.65
N VAL A 98 5.25 21.20 -6.82
CA VAL A 98 5.96 19.98 -6.46
C VAL A 98 6.35 19.27 -7.75
N ARG A 99 7.34 18.39 -7.66
CA ARG A 99 7.93 17.74 -8.82
C ARG A 99 7.98 16.24 -8.62
N GLY A 100 7.32 15.49 -9.50
CA GLY A 100 7.33 14.04 -9.39
C GLY A 100 8.29 13.42 -10.38
N VAL A 101 9.09 12.47 -9.92
CA VAL A 101 10.03 11.75 -10.76
C VAL A 101 9.66 10.27 -10.76
N CYS A 102 9.47 9.74 -11.97
CA CYS A 102 8.96 8.40 -12.12
C CYS A 102 10.00 7.52 -12.76
N LYS A 103 10.19 6.34 -12.17
N LYS A 103 10.22 6.35 -12.17
CA LYS A 103 11.11 5.33 -12.68
CA LYS A 103 11.12 5.36 -12.75
C LYS A 103 10.42 3.98 -12.68
C LYS A 103 10.45 3.99 -12.69
N PRO A 104 10.81 3.09 -13.62
CA PRO A 104 10.18 1.77 -13.63
C PRO A 104 10.76 0.84 -12.56
N LEU A 105 9.89 0.04 -11.94
CA LEU A 105 10.32 -1.05 -11.08
C LEU A 105 10.10 -2.38 -11.78
N HIS A 106 9.06 -2.46 -12.61
CA HIS A 106 8.80 -3.67 -13.38
C HIS A 106 8.09 -3.32 -14.67
N LEU A 107 8.62 -3.81 -15.79
CA LEU A 107 7.98 -3.62 -17.08
C LEU A 107 7.64 -4.99 -17.67
N GLY A 108 6.45 -5.49 -17.36
CA GLY A 108 6.09 -6.84 -17.76
C GLY A 108 5.27 -6.85 -19.02
N SER A 109 4.86 -8.04 -19.46
CA SER A 109 4.05 -8.18 -20.67
C SER A 109 2.62 -7.78 -20.41
N ARG A 110 2.16 -7.94 -19.16
CA ARG A 110 0.77 -7.70 -18.82
C ARG A 110 0.56 -6.70 -17.68
N HIS A 111 1.61 -6.48 -16.88
CA HIS A 111 1.55 -5.52 -15.77
C HIS A 111 2.85 -4.72 -15.70
N GLN A 112 2.80 -3.54 -15.09
CA GLN A 112 4.00 -2.75 -14.81
C GLN A 112 3.94 -2.23 -13.39
N VAL A 113 5.10 -1.87 -12.87
CA VAL A 113 5.14 -1.20 -11.57
C VAL A 113 6.04 0.01 -11.71
N TRP A 114 5.57 1.14 -11.21
CA TRP A 114 6.29 2.40 -11.34
C TRP A 114 6.50 3.01 -9.97
N GLN A 115 7.67 3.59 -9.75
CA GLN A 115 7.95 4.32 -8.52
C GLN A 115 7.88 5.80 -8.86
N ILE A 116 7.12 6.56 -8.10
CA ILE A 116 7.09 8.00 -8.30
C ILE A 116 7.45 8.66 -6.98
N GLU A 117 8.53 9.46 -6.99
CA GLU A 117 8.85 10.27 -5.83
C GLU A 117 8.53 11.72 -6.15
N ILE A 118 7.90 12.39 -5.20
CA ILE A 118 7.44 13.76 -5.41
C ILE A 118 8.13 14.67 -4.40
N PHE A 119 8.81 15.69 -4.92
CA PHE A 119 9.65 16.59 -4.12
C PHE A 119 9.11 18.01 -4.10
N ASP A 120 9.40 18.76 -3.03
CA ASP A 120 9.08 20.17 -3.03
C ASP A 120 10.19 20.97 -3.70
N GLU A 121 10.11 22.29 -3.67
CA GLU A 121 11.10 23.11 -4.37
C GLU A 121 12.50 23.07 -3.76
N LYS A 122 12.63 22.51 -2.57
CA LYS A 122 13.92 22.39 -1.91
C LYS A 122 14.53 21.02 -2.10
N GLY A 123 13.89 20.20 -2.93
CA GLY A 123 14.37 18.86 -3.19
C GLY A 123 14.05 17.90 -2.08
N ARG A 124 13.15 18.31 -1.18
CA ARG A 124 12.75 17.46 -0.05
C ARG A 124 11.64 16.53 -0.48
N LEU A 125 11.79 15.25 -0.14
CA LEU A 125 10.78 14.27 -0.48
C LEU A 125 9.47 14.56 0.25
N CYS A 126 8.37 14.61 -0.49
CA CYS A 126 7.06 14.89 0.10
C CYS A 126 6.09 13.71 -0.01
N CYS A 127 6.22 12.95 -1.09
CA CYS A 127 5.36 11.80 -1.32
C CYS A 127 6.16 10.73 -2.03
N SER A 128 6.08 9.52 -1.49
CA SER A 128 6.67 8.35 -2.15
C SER A 128 5.52 7.43 -2.54
N SER A 129 5.42 7.12 -3.83
CA SER A 129 4.27 6.39 -4.37
C SER A 129 4.69 5.24 -5.26
N ARG A 130 3.87 4.20 -5.30
CA ARG A 130 4.09 3.05 -6.18
C ARG A 130 2.80 2.76 -6.93
N LEU A 131 2.89 2.55 -8.23
CA LEU A 131 1.71 2.35 -9.06
C LEU A 131 1.87 1.06 -9.83
N THR A 132 0.82 0.25 -9.80
CA THR A 132 0.79 -0.97 -10.59
C THR A 132 -0.22 -0.76 -11.71
N THR A 133 0.22 -0.98 -12.95
CA THR A 133 -0.69 -0.85 -14.08
C THR A 133 -1.06 -2.22 -14.67
N ALA A 134 -2.13 -2.23 -15.45
CA ALA A 134 -2.52 -3.39 -16.23
C ALA A 134 -2.50 -3.00 -17.70
N ILE A 135 -1.89 -3.85 -18.52
CA ILE A 135 -1.80 -3.62 -19.95
C ILE A 135 -2.97 -4.34 -20.62
N LEU A 136 -3.81 -3.59 -21.34
CA LEU A 136 -5.02 -4.17 -21.93
C LEU A 136 -4.95 -4.21 -23.46
N MET B 1 -21.84 6.08 18.25
CA MET B 1 -21.55 7.23 17.38
C MET B 1 -20.09 7.66 17.51
N ILE B 2 -19.34 7.61 16.41
CA ILE B 2 -17.89 7.76 16.47
C ILE B 2 -17.40 9.21 16.54
N TRP B 3 -18.23 10.16 16.10
CA TRP B 3 -17.78 11.54 15.96
C TRP B 3 -17.54 12.21 17.32
N LYS B 4 -16.52 13.07 17.37
CA LYS B 4 -16.26 13.89 18.56
C LYS B 4 -16.57 15.35 18.28
N ARG B 5 -16.54 15.73 17.02
CA ARG B 5 -16.93 17.07 16.60
C ARG B 5 -18.33 16.96 16.05
N LYS B 6 -19.18 17.90 16.44
CA LYS B 6 -20.52 17.97 15.89
C LYS B 6 -20.48 18.93 14.71
N ILE B 7 -20.95 18.48 13.54
CA ILE B 7 -20.91 19.33 12.35
C ILE B 7 -22.16 19.07 11.51
N THR B 8 -22.66 20.10 10.83
CA THR B 8 -23.81 19.91 9.97
C THR B 8 -23.29 19.57 8.58
N LEU B 9 -24.16 18.98 7.77
CA LEU B 9 -23.78 18.65 6.40
C LEU B 9 -23.40 19.93 5.69
N GLU B 10 -24.16 21.00 5.92
CA GLU B 10 -23.87 22.29 5.29
C GLU B 10 -22.48 22.80 5.66
N ALA B 11 -22.13 22.76 6.95
CA ALA B 11 -20.82 23.23 7.38
C ALA B 11 -19.71 22.32 6.85
N LEU B 12 -19.98 21.01 6.80
CA LEU B 12 -19.01 20.07 6.23
C LEU B 12 -18.75 20.39 4.76
N ASN B 13 -19.80 20.65 4.02
CA ASN B 13 -19.63 21.03 2.61
C ASN B 13 -18.97 22.39 2.45
N ALA B 14 -19.15 23.26 3.43
CA ALA B 14 -18.52 24.58 3.38
C ALA B 14 -16.99 24.49 3.45
N MET B 15 -16.48 23.43 4.08
CA MET B 15 -15.03 23.26 4.27
C MET B 15 -14.28 23.19 2.94
N GLY B 16 -14.96 22.70 1.91
CA GLY B 16 -14.34 22.46 0.62
C GLY B 16 -14.23 23.69 -0.26
N GLU B 17 -14.86 24.79 0.14
CA GLU B 17 -14.86 25.99 -0.70
C GLU B 17 -13.47 26.62 -0.73
N GLY B 18 -12.99 26.93 -1.93
CA GLY B 18 -11.68 27.54 -2.08
C GLY B 18 -10.53 26.55 -2.07
N ASN B 19 -10.85 25.25 -2.07
CA ASN B 19 -9.81 24.23 -2.18
C ASN B 19 -10.21 23.12 -3.14
N MET B 20 -9.41 22.05 -3.20
CA MET B 20 -9.63 21.02 -4.21
C MET B 20 -10.97 20.31 -4.07
N VAL B 21 -11.46 20.20 -2.84
CA VAL B 21 -12.75 19.55 -2.58
C VAL B 21 -13.87 20.29 -3.32
N GLY B 22 -13.95 21.60 -3.15
CA GLY B 22 -14.95 22.40 -3.85
C GLY B 22 -14.70 22.45 -5.35
N PHE B 23 -13.43 22.56 -5.73
CA PHE B 23 -13.06 22.67 -7.14
C PHE B 23 -13.63 21.50 -7.94
N LEU B 24 -13.57 20.31 -7.36
CA LEU B 24 -14.00 19.10 -8.06
C LEU B 24 -15.48 18.80 -7.81
N ASP B 25 -16.18 19.71 -7.15
CA ASP B 25 -17.58 19.48 -6.80
C ASP B 25 -17.77 18.17 -6.02
N ILE B 26 -16.86 17.90 -5.10
CA ILE B 26 -17.06 16.80 -4.17
C ILE B 26 -18.11 17.24 -3.17
N ARG B 27 -19.21 16.50 -3.08
CA ARG B 27 -20.32 16.86 -2.19
C ARG B 27 -20.56 15.78 -1.16
N PHE B 28 -20.51 16.17 0.10
CA PHE B 28 -20.85 15.25 1.18
C PHE B 28 -22.37 15.18 1.27
N GLU B 29 -22.89 13.95 1.30
CA GLU B 29 -24.34 13.76 1.15
C GLU B 29 -24.97 13.11 2.37
N HIS B 30 -24.16 12.42 3.17
CA HIS B 30 -24.70 11.82 4.39
C HIS B 30 -23.64 11.68 5.49
N ILE B 31 -24.03 12.06 6.70
CA ILE B 31 -23.23 11.76 7.87
C ILE B 31 -23.96 10.73 8.70
N GLY B 32 -23.45 9.51 8.76
CA GLY B 32 -24.07 8.47 9.58
C GLY B 32 -23.46 8.47 10.96
N ASP B 33 -23.95 7.59 11.83
CA ASP B 33 -23.38 7.50 13.16
C ASP B 33 -21.97 6.92 13.11
N ASP B 34 -21.66 6.19 12.04
CA ASP B 34 -20.34 5.59 11.91
C ASP B 34 -19.85 5.52 10.45
N THR B 35 -20.48 6.30 9.58
CA THR B 35 -20.11 6.32 8.17
C THR B 35 -20.21 7.74 7.64
N LEU B 36 -19.47 8.01 6.57
CA LEU B 36 -19.50 9.31 5.91
C LEU B 36 -19.55 9.07 4.40
N GLU B 37 -20.42 9.81 3.71
CA GLU B 37 -20.63 9.58 2.28
C GLU B 37 -20.53 10.88 1.49
N ALA B 38 -19.79 10.82 0.37
CA ALA B 38 -19.63 11.97 -0.51
C ALA B 38 -19.59 11.51 -1.97
N THR B 39 -20.06 12.34 -2.88
CA THR B 39 -20.00 11.99 -4.27
C THR B 39 -19.08 12.93 -5.05
N MET B 40 -18.77 12.55 -6.27
CA MET B 40 -17.84 13.32 -7.11
C MET B 40 -18.20 13.05 -8.55
N PRO B 41 -18.19 14.10 -9.39
CA PRO B 41 -18.52 13.90 -10.80
C PRO B 41 -17.40 13.19 -11.55
N VAL B 42 -17.78 12.47 -12.60
CA VAL B 42 -16.85 11.95 -13.61
C VAL B 42 -16.99 12.85 -14.83
N ASP B 43 -16.11 13.85 -14.94
CA ASP B 43 -16.17 14.79 -16.05
C ASP B 43 -14.78 15.29 -16.38
N SER B 44 -14.68 16.39 -17.12
CA SER B 44 -13.37 16.83 -17.62
C SER B 44 -12.40 17.14 -16.48
N ARG B 45 -12.91 17.46 -15.30
CA ARG B 45 -12.03 17.79 -14.17
C ARG B 45 -11.41 16.55 -13.54
N THR B 46 -12.03 15.39 -13.76
CA THR B 46 -11.60 14.18 -13.06
C THR B 46 -11.31 13.01 -13.98
N LYS B 47 -11.35 13.22 -15.29
CA LYS B 47 -11.05 12.13 -16.22
C LYS B 47 -9.56 12.11 -16.61
N GLN B 48 -9.08 10.96 -17.07
CA GLN B 48 -7.72 10.86 -17.62
C GLN B 48 -7.84 11.05 -19.15
N PRO B 49 -6.70 11.10 -19.88
CA PRO B 49 -6.86 11.54 -21.27
C PRO B 49 -7.62 10.59 -22.17
N PHE B 50 -7.88 9.36 -21.73
CA PHE B 50 -8.59 8.40 -22.58
C PHE B 50 -10.05 8.21 -22.18
N GLY B 51 -10.57 9.16 -21.40
CA GLY B 51 -11.99 9.18 -21.10
C GLY B 51 -12.45 8.49 -19.83
N LEU B 52 -11.54 7.83 -19.11
CA LEU B 52 -11.93 7.15 -17.88
C LEU B 52 -11.81 8.07 -16.67
N LEU B 53 -12.47 7.72 -15.57
CA LEU B 53 -12.24 8.44 -14.34
C LEU B 53 -10.79 8.23 -13.96
N HIS B 54 -10.08 9.32 -13.67
CA HIS B 54 -8.67 9.27 -13.31
C HIS B 54 -8.51 8.50 -12.02
N GLY B 55 -7.57 7.57 -11.98
CA GLY B 55 -7.32 6.79 -10.78
C GLY B 55 -7.07 7.68 -9.59
N GLY B 56 -6.31 8.76 -9.81
CA GLY B 56 -6.00 9.68 -8.74
C GLY B 56 -7.22 10.45 -8.26
N ALA B 57 -8.18 10.63 -9.14
CA ALA B 57 -9.39 11.35 -8.74
C ALA B 57 -10.14 10.51 -7.71
N SER B 58 -10.16 9.19 -7.92
CA SER B 58 -10.75 8.30 -6.95
C SER B 58 -10.06 8.42 -5.60
N VAL B 59 -8.73 8.57 -5.60
CA VAL B 59 -7.98 8.73 -4.37
C VAL B 59 -8.21 10.11 -3.74
N VAL B 60 -8.39 11.13 -4.57
CA VAL B 60 -8.79 12.43 -4.03
C VAL B 60 -10.08 12.29 -3.23
N LEU B 61 -11.05 11.57 -3.79
CA LEU B 61 -12.32 11.36 -3.08
C LEU B 61 -12.10 10.59 -1.79
N ALA B 62 -11.37 9.48 -1.89
CA ALA B 62 -11.11 8.64 -0.73
C ALA B 62 -10.41 9.42 0.38
N GLU B 63 -9.33 10.11 0.04
CA GLU B 63 -8.62 10.91 1.03
C GLU B 63 -9.46 12.04 1.58
N SER B 64 -10.26 12.68 0.72
CA SER B 64 -11.13 13.78 1.18
C SER B 64 -12.15 13.26 2.19
N ILE B 65 -12.78 12.13 1.91
CA ILE B 65 -13.76 11.64 2.86
C ILE B 65 -13.05 11.10 4.10
N GLY B 66 -12.06 10.24 3.91
CA GLY B 66 -11.40 9.60 5.04
C GLY B 66 -10.70 10.58 5.98
N SER B 67 -10.03 11.59 5.43
CA SER B 67 -9.30 12.54 6.28
C SER B 67 -10.23 13.41 7.11
N VAL B 68 -11.35 13.81 6.54
CA VAL B 68 -12.26 14.66 7.32
C VAL B 68 -13.06 13.82 8.32
N ALA B 69 -13.38 12.58 7.96
CA ALA B 69 -13.96 11.67 8.96
C ALA B 69 -12.98 11.55 10.12
N GLY B 70 -11.69 11.42 9.78
CA GLY B 70 -10.66 11.30 10.80
C GLY B 70 -10.63 12.52 11.70
N TYR B 71 -10.67 13.69 11.08
CA TYR B 71 -10.72 14.97 11.81
C TYR B 71 -11.94 15.03 12.73
N LEU B 72 -13.10 14.60 12.23
CA LEU B 72 -14.34 14.64 13.00
C LEU B 72 -14.35 13.66 14.16
N CYS B 73 -13.39 12.75 14.18
CA CYS B 73 -13.20 11.84 15.32
C CYS B 73 -12.10 12.33 16.27
N THR B 74 -11.65 13.56 16.08
CA THR B 74 -10.75 14.19 17.06
C THR B 74 -11.43 15.39 17.69
N GLU B 75 -10.74 16.07 18.60
CA GLU B 75 -11.36 17.20 19.29
C GLU B 75 -10.41 18.38 19.47
N GLY B 76 -10.97 19.57 19.62
CA GLY B 76 -10.16 20.75 19.88
C GLY B 76 -9.14 21.04 18.81
N GLU B 77 -7.90 21.28 19.23
CA GLU B 77 -6.86 21.70 18.30
C GLU B 77 -6.11 20.51 17.70
N GLN B 78 -6.56 19.29 18.01
CA GLN B 78 -5.98 18.12 17.34
C GLN B 78 -6.10 18.25 15.83
N LYS B 79 -5.07 17.80 15.11
CA LYS B 79 -5.08 17.81 13.65
C LYS B 79 -4.96 16.38 13.13
N VAL B 80 -5.48 16.14 11.94
CA VAL B 80 -5.36 14.84 11.31
C VAL B 80 -4.72 15.02 9.95
N VAL B 81 -3.70 14.21 9.63
CA VAL B 81 -3.11 14.23 8.29
C VAL B 81 -3.07 12.82 7.67
N GLY B 82 -3.17 12.75 6.35
CA GLY B 82 -3.03 11.48 5.68
C GLY B 82 -1.59 11.03 5.78
N LEU B 83 -1.37 9.77 6.13
CA LEU B 83 -0.01 9.26 6.28
C LEU B 83 0.29 8.24 5.18
N GLU B 84 -0.59 7.25 5.07
CA GLU B 84 -0.45 6.22 4.04
C GLU B 84 -1.79 6.03 3.34
N ILE B 85 -1.75 5.78 2.03
CA ILE B 85 -2.97 5.52 1.26
C ILE B 85 -2.72 4.42 0.24
N ASN B 86 -3.70 3.53 0.06
CA ASN B 86 -3.64 2.57 -1.03
C ASN B 86 -5.03 2.44 -1.62
N ALA B 87 -5.10 2.05 -2.89
CA ALA B 87 -6.38 2.02 -3.59
C ALA B 87 -6.33 1.04 -4.74
N ASN B 88 -7.36 0.20 -4.83
CA ASN B 88 -7.48 -0.75 -5.93
C ASN B 88 -8.50 -0.22 -6.90
N HIS B 89 -8.07 -0.03 -8.16
CA HIS B 89 -8.97 0.39 -9.23
C HIS B 89 -9.56 -0.86 -9.89
N VAL B 90 -10.70 -1.32 -9.39
CA VAL B 90 -11.21 -2.62 -9.83
C VAL B 90 -12.17 -2.53 -11.02
N ARG B 91 -12.72 -1.35 -11.27
CA ARG B 91 -13.61 -1.13 -12.40
C ARG B 91 -13.55 0.33 -12.80
N SER B 92 -13.57 0.61 -14.10
CA SER B 92 -13.49 2.00 -14.54
C SER B 92 -14.84 2.68 -14.33
N ALA B 93 -14.81 3.97 -14.02
CA ALA B 93 -16.02 4.78 -14.06
C ALA B 93 -15.90 5.66 -15.29
N ARG B 94 -17.02 5.93 -15.97
CA ARG B 94 -16.97 6.64 -17.25
C ARG B 94 -17.91 7.83 -17.35
N GLU B 95 -18.90 7.90 -16.48
CA GLU B 95 -19.92 8.95 -16.59
C GLU B 95 -20.65 9.13 -15.27
N GLY B 96 -21.45 10.19 -15.17
CA GLY B 96 -22.24 10.44 -13.98
C GLY B 96 -21.41 10.86 -12.79
N ARG B 97 -21.81 10.44 -11.60
CA ARG B 97 -21.03 10.73 -10.40
C ARG B 97 -20.72 9.42 -9.72
N VAL B 98 -19.59 9.37 -9.02
CA VAL B 98 -19.29 8.20 -8.22
C VAL B 98 -19.58 8.55 -6.76
N ARG B 99 -19.81 7.53 -5.94
CA ARG B 99 -20.24 7.72 -4.56
C ARG B 99 -19.29 7.01 -3.62
N GLY B 100 -18.72 7.75 -2.68
CA GLY B 100 -17.74 7.17 -1.76
C GLY B 100 -18.34 6.93 -0.40
N VAL B 101 -18.15 5.73 0.14
CA VAL B 101 -18.65 5.42 1.48
C VAL B 101 -17.51 5.05 2.40
N CYS B 102 -17.37 5.80 3.49
CA CYS B 102 -16.22 5.68 4.37
C CYS B 102 -16.62 5.09 5.71
N LYS B 103 -15.88 4.08 6.16
CA LYS B 103 -16.14 3.42 7.43
C LYS B 103 -14.83 3.26 8.18
N PRO B 104 -14.87 3.33 9.51
CA PRO B 104 -13.64 3.18 10.30
C PRO B 104 -13.21 1.73 10.38
N LEU B 105 -11.91 1.46 10.27
CA LEU B 105 -11.38 0.12 10.52
C LEU B 105 -10.70 0.09 11.88
N HIS B 106 -10.03 1.19 12.19
CA HIS B 106 -9.41 1.35 13.50
C HIS B 106 -9.39 2.82 13.90
N LEU B 107 -9.90 3.11 15.10
CA LEU B 107 -9.83 4.47 15.63
C LEU B 107 -8.94 4.49 16.85
N GLY B 108 -7.70 4.95 16.69
CA GLY B 108 -6.75 4.94 17.78
C GLY B 108 -6.47 6.32 18.34
N SER B 109 -5.60 6.37 19.35
CA SER B 109 -5.27 7.61 20.01
C SER B 109 -4.41 8.47 19.11
N ARG B 110 -3.48 7.85 18.38
CA ARG B 110 -2.58 8.62 17.54
C ARG B 110 -2.65 8.27 16.06
N HIS B 111 -3.40 7.22 15.70
CA HIS B 111 -3.62 6.86 14.29
C HIS B 111 -5.04 6.34 14.05
N GLN B 112 -5.47 6.42 12.80
CA GLN B 112 -6.75 5.85 12.41
C GLN B 112 -6.57 5.11 11.11
N VAL B 113 -7.41 4.11 10.91
CA VAL B 113 -7.45 3.43 9.62
C VAL B 113 -8.87 3.50 9.08
N TRP B 114 -9.03 4.07 7.90
CA TRP B 114 -10.33 4.24 7.28
C TRP B 114 -10.44 3.43 5.99
N GLN B 115 -11.60 2.81 5.78
CA GLN B 115 -11.87 2.12 4.52
C GLN B 115 -12.79 3.00 3.69
N ILE B 116 -12.45 3.21 2.42
CA ILE B 116 -13.37 3.92 1.55
C ILE B 116 -13.68 3.10 0.31
N GLU B 117 -14.95 2.81 0.08
CA GLU B 117 -15.36 2.16 -1.16
C GLU B 117 -16.09 3.17 -2.03
N ILE B 118 -15.74 3.17 -3.31
CA ILE B 118 -16.32 4.11 -4.26
C ILE B 118 -17.09 3.35 -5.33
N PHE B 119 -18.37 3.69 -5.49
CA PHE B 119 -19.25 2.97 -6.43
C PHE B 119 -19.68 3.88 -7.55
N ASP B 120 -19.99 3.30 -8.73
CA ASP B 120 -20.55 4.09 -9.83
C ASP B 120 -22.06 4.26 -9.64
N GLU B 121 -22.71 4.92 -10.60
N GLU B 121 -22.70 4.92 -10.60
CA GLU B 121 -24.13 5.21 -10.45
CA GLU B 121 -24.13 5.21 -10.47
C GLU B 121 -24.99 3.95 -10.46
C GLU B 121 -25.01 3.97 -10.52
N LYS B 122 -24.46 2.87 -11.04
CA LYS B 122 -25.20 1.62 -11.10
C LYS B 122 -24.91 0.78 -9.87
N GLY B 123 -24.13 1.34 -8.95
CA GLY B 123 -23.88 0.68 -7.69
C GLY B 123 -22.73 -0.31 -7.71
N ARG B 124 -22.00 -0.36 -8.83
CA ARG B 124 -20.86 -1.28 -8.97
C ARG B 124 -19.63 -0.70 -8.29
N LEU B 125 -18.88 -1.55 -7.59
CA LEU B 125 -17.66 -1.09 -6.93
C LEU B 125 -16.63 -0.74 -7.98
N CYS B 126 -16.03 0.44 -7.87
CA CYS B 126 -14.99 0.87 -8.80
C CYS B 126 -13.62 1.06 -8.14
N CYS B 127 -13.63 1.49 -6.89
CA CYS B 127 -12.39 1.70 -6.15
C CYS B 127 -12.57 1.28 -4.70
N SER B 128 -11.58 0.56 -4.19
CA SER B 128 -11.55 0.14 -2.80
C SER B 128 -10.25 0.67 -2.23
N SER B 129 -10.36 1.48 -1.18
CA SER B 129 -9.21 2.23 -0.70
C SER B 129 -9.09 2.15 0.81
N ARG B 130 -7.86 2.24 1.31
N ARG B 130 -7.86 2.21 1.31
CA ARG B 130 -7.59 2.27 2.74
CA ARG B 130 -7.62 2.31 2.74
C ARG B 130 -6.66 3.44 3.06
C ARG B 130 -6.69 3.47 3.03
N LEU B 131 -7.08 4.30 3.99
CA LEU B 131 -6.32 5.48 4.38
C LEU B 131 -5.87 5.36 5.81
N THR B 132 -4.59 5.61 6.05
CA THR B 132 -4.06 5.64 7.41
C THR B 132 -3.72 7.07 7.74
N THR B 133 -4.26 7.56 8.86
CA THR B 133 -3.99 8.93 9.28
C THR B 133 -3.10 8.95 10.51
N ALA B 134 -2.44 10.08 10.73
CA ALA B 134 -1.78 10.34 12.01
C ALA B 134 -2.49 11.51 12.68
N ILE B 135 -2.72 11.39 13.99
CA ILE B 135 -3.31 12.49 14.77
C ILE B 135 -2.18 13.31 15.40
N LEU B 136 -2.18 14.62 15.15
CA LEU B 136 -1.09 15.47 15.64
C LEU B 136 -1.53 16.36 16.80
N MET C 1 25.89 10.09 8.77
CA MET C 1 25.40 8.88 9.42
C MET C 1 24.04 9.13 10.07
N ILE C 2 23.07 8.26 9.78
CA ILE C 2 21.73 8.45 10.31
C ILE C 2 21.51 7.81 11.68
N TRP C 3 22.39 6.87 12.04
CA TRP C 3 22.19 6.08 13.26
C TRP C 3 22.36 6.92 14.54
N LYS C 4 21.59 6.55 15.56
CA LYS C 4 21.76 7.12 16.90
C LYS C 4 22.38 6.07 17.82
N ARG C 5 22.00 4.81 17.62
CA ARG C 5 22.54 3.72 18.43
C ARG C 5 23.78 3.16 17.78
N LYS C 6 24.75 2.82 18.62
CA LYS C 6 26.01 2.27 18.14
C LYS C 6 25.86 0.75 18.15
N ILE C 7 26.08 0.10 17.01
CA ILE C 7 25.95 -1.35 16.98
C ILE C 7 26.91 -2.00 16.00
N THR C 8 27.46 -3.14 16.41
CA THR C 8 28.29 -3.92 15.51
C THR C 8 27.39 -4.86 14.72
N LEU C 9 27.88 -5.28 13.55
CA LEU C 9 27.22 -6.31 12.76
C LEU C 9 26.89 -7.54 13.62
N GLU C 10 27.85 -7.96 14.42
CA GLU C 10 27.65 -9.15 15.27
C GLU C 10 26.52 -8.95 16.29
N ALA C 11 26.52 -7.80 16.96
CA ALA C 11 25.46 -7.51 17.92
C ALA C 11 24.12 -7.38 17.18
N LEU C 12 24.15 -6.83 15.97
CA LEU C 12 22.93 -6.68 15.20
C LEU C 12 22.35 -8.06 14.86
N ASN C 13 23.21 -8.97 14.45
CA ASN C 13 22.78 -10.34 14.12
C ASN C 13 22.32 -11.15 15.33
N ALA C 14 22.83 -10.78 16.50
CA ALA C 14 22.46 -11.46 17.74
C ALA C 14 21.02 -11.20 18.14
N MET C 15 20.48 -10.04 17.75
CA MET C 15 19.11 -9.69 18.10
C MET C 15 18.09 -10.70 17.59
N GLY C 16 18.43 -11.37 16.48
CA GLY C 16 17.50 -12.29 15.84
C GLY C 16 17.43 -13.64 16.50
N GLU C 17 18.37 -13.93 17.40
CA GLU C 17 18.44 -15.26 18.01
C GLU C 17 17.24 -15.51 18.93
N GLY C 18 16.59 -16.66 18.76
CA GLY C 18 15.41 -17.01 19.55
C GLY C 18 14.14 -16.38 19.03
N ASN C 19 14.20 -15.75 17.86
CA ASN C 19 12.96 -15.22 17.26
C ASN C 19 12.90 -15.46 15.75
N MET C 20 11.93 -14.85 15.07
CA MET C 20 11.69 -15.19 13.67
C MET C 20 12.88 -14.86 12.77
N VAL C 21 13.56 -13.77 13.08
CA VAL C 21 14.72 -13.37 12.31
C VAL C 21 15.79 -14.47 12.28
N GLY C 22 16.15 -15.01 13.45
CA GLY C 22 17.12 -16.09 13.49
C GLY C 22 16.58 -17.38 12.92
N PHE C 23 15.31 -17.66 13.17
CA PHE C 23 14.68 -18.89 12.68
C PHE C 23 14.80 -19.00 11.14
N LEU C 24 14.69 -17.88 10.46
CA LEU C 24 14.69 -17.88 8.99
C LEU C 24 16.09 -17.64 8.43
N ASP C 25 17.11 -17.65 9.30
CA ASP C 25 18.49 -17.36 8.89
C ASP C 25 18.59 -16.02 8.16
N ILE C 26 17.80 -15.04 8.56
CA ILE C 26 18.01 -13.67 8.07
C ILE C 26 19.32 -13.13 8.66
N ARG C 27 20.21 -12.64 7.78
CA ARG C 27 21.55 -12.23 8.22
C ARG C 27 21.87 -10.82 7.76
N PHE C 28 22.14 -9.93 8.71
CA PHE C 28 22.58 -8.58 8.38
C PHE C 28 24.03 -8.61 7.90
N GLU C 29 24.27 -7.99 6.75
CA GLU C 29 25.58 -8.12 6.10
C GLU C 29 26.29 -6.79 5.90
N HIS C 30 25.54 -5.69 5.98
CA HIS C 30 26.14 -4.37 5.78
C HIS C 30 25.37 -3.27 6.50
N ILE C 31 26.09 -2.52 7.33
CA ILE C 31 25.59 -1.30 7.95
C ILE C 31 26.31 -0.10 7.31
N GLY C 32 25.62 0.61 6.42
CA GLY C 32 26.21 1.78 5.81
C GLY C 32 25.93 3.00 6.65
N ASP C 33 26.34 4.18 6.18
CA ASP C 33 26.06 5.40 6.94
C ASP C 33 24.56 5.71 6.96
N ASP C 34 23.86 5.27 5.91
CA ASP C 34 22.42 5.53 5.82
C ASP C 34 21.66 4.42 5.12
N THR C 35 22.22 3.21 5.11
CA THR C 35 21.54 2.06 4.53
C THR C 35 21.78 0.86 5.42
N LEU C 36 20.92 -0.14 5.28
CA LEU C 36 21.10 -1.38 6.02
C LEU C 36 20.74 -2.51 5.07
N GLU C 37 21.55 -3.56 5.07
CA GLU C 37 21.33 -4.69 4.17
C GLU C 37 21.33 -6.02 4.91
N ALA C 38 20.45 -6.92 4.48
CA ALA C 38 20.40 -8.27 5.02
C ALA C 38 19.91 -9.24 3.95
N THR C 39 20.34 -10.50 4.07
CA THR C 39 19.91 -11.54 3.15
C THR C 39 19.04 -12.56 3.85
N MET C 40 18.36 -13.37 3.06
CA MET C 40 17.43 -14.37 3.55
C MET C 40 17.39 -15.51 2.55
N PRO C 41 17.35 -16.75 3.04
CA PRO C 41 17.32 -17.89 2.12
C PRO C 41 15.96 -18.09 1.50
N VAL C 42 15.98 -18.57 0.25
CA VAL C 42 14.78 -19.03 -0.40
C VAL C 42 14.81 -20.54 -0.24
N ASP C 43 14.17 -21.04 0.82
CA ASP C 43 14.12 -22.48 1.01
C ASP C 43 12.80 -22.96 1.62
N SER C 44 12.79 -24.16 2.18
CA SER C 44 11.53 -24.71 2.65
C SER C 44 10.90 -23.82 3.73
N ARG C 45 11.73 -23.06 4.45
CA ARG C 45 11.18 -22.19 5.49
C ARG C 45 10.47 -20.96 4.93
N THR C 46 10.80 -20.58 3.70
CA THR C 46 10.35 -19.30 3.14
C THR C 46 9.63 -19.44 1.81
N LYS C 47 9.38 -20.69 1.39
CA LYS C 47 8.66 -20.94 0.13
C LYS C 47 7.16 -21.14 0.36
N GLN C 48 6.37 -20.87 -0.69
CA GLN C 48 4.95 -21.15 -0.66
C GLN C 48 4.74 -22.55 -1.27
N PRO C 49 3.51 -23.11 -1.18
CA PRO C 49 3.38 -24.54 -1.54
C PRO C 49 3.67 -24.87 -2.99
N PHE C 50 3.79 -23.88 -3.86
CA PHE C 50 4.03 -24.12 -5.28
C PHE C 50 5.50 -23.88 -5.66
N GLY C 51 6.35 -23.68 -4.66
CA GLY C 51 7.78 -23.62 -4.89
C GLY C 51 8.41 -22.23 -5.02
N LEU C 52 7.58 -21.19 -4.95
CA LEU C 52 8.10 -19.83 -5.07
C LEU C 52 8.42 -19.28 -3.68
N LEU C 53 9.30 -18.28 -3.62
CA LEU C 53 9.51 -17.53 -2.40
C LEU C 53 8.17 -16.97 -2.00
N HIS C 54 7.71 -17.33 -0.80
CA HIS C 54 6.45 -16.83 -0.24
C HIS C 54 6.47 -15.31 -0.20
N GLY C 55 5.42 -14.65 -0.69
CA GLY C 55 5.39 -13.20 -0.69
C GLY C 55 5.51 -12.63 0.72
N GLY C 56 4.95 -13.36 1.68
CA GLY C 56 5.06 -13.00 3.08
C GLY C 56 6.50 -13.02 3.59
N ALA C 57 7.32 -13.91 3.04
CA ALA C 57 8.70 -14.04 3.49
C ALA C 57 9.48 -12.79 3.08
N SER C 58 9.20 -12.31 1.88
CA SER C 58 9.79 -11.07 1.42
C SER C 58 9.41 -9.93 2.35
N VAL C 59 8.14 -9.90 2.77
CA VAL C 59 7.68 -8.86 3.72
C VAL C 59 8.34 -9.04 5.10
N VAL C 60 8.55 -10.29 5.53
CA VAL C 60 9.26 -10.51 6.78
C VAL C 60 10.63 -9.88 6.67
N LEU C 61 11.30 -10.10 5.55
CA LEU C 61 12.62 -9.50 5.35
C LEU C 61 12.55 -7.98 5.40
N ALA C 62 11.63 -7.39 4.65
CA ALA C 62 11.52 -5.94 4.64
C ALA C 62 11.22 -5.38 6.02
N GLU C 63 10.20 -5.91 6.71
CA GLU C 63 9.86 -5.35 8.02
C GLU C 63 10.98 -5.61 9.03
N SER C 64 11.71 -6.71 8.85
CA SER C 64 12.84 -6.99 9.74
C SER C 64 13.94 -5.92 9.60
N ILE C 65 14.33 -5.63 8.36
CA ILE C 65 15.40 -4.66 8.16
C ILE C 65 14.94 -3.25 8.49
N GLY C 66 13.75 -2.88 8.02
CA GLY C 66 13.23 -1.54 8.26
C GLY C 66 12.99 -1.22 9.74
N SER C 67 12.43 -2.17 10.46
CA SER C 67 12.09 -1.92 11.87
C SER C 67 13.34 -1.80 12.72
N VAL C 68 14.35 -2.63 12.46
CA VAL C 68 15.54 -2.54 13.28
C VAL C 68 16.35 -1.31 12.87
N ALA C 69 16.34 -0.98 11.58
CA ALA C 69 16.96 0.27 11.14
C ALA C 69 16.31 1.43 11.86
N GLY C 70 14.99 1.39 11.97
CA GLY C 70 14.26 2.42 12.71
C GLY C 70 14.69 2.47 14.17
N TYR C 71 14.79 1.30 14.80
CA TYR C 71 15.22 1.21 16.19
C TYR C 71 16.57 1.87 16.38
N LEU C 72 17.47 1.65 15.42
CA LEU C 72 18.82 2.19 15.50
C LEU C 72 18.84 3.71 15.28
N CYS C 73 17.69 4.26 14.88
CA CYS C 73 17.58 5.71 14.70
C CYS C 73 16.81 6.39 15.84
N THR C 74 16.66 5.67 16.95
CA THR C 74 16.08 6.21 18.17
C THR C 74 17.12 6.03 19.29
N GLU C 75 16.84 6.51 20.50
CA GLU C 75 17.83 6.36 21.56
C GLU C 75 17.23 5.97 22.89
N GLY C 76 18.07 5.50 23.81
CA GLY C 76 17.63 5.12 25.14
C GLY C 76 16.50 4.11 25.15
N GLU C 77 15.48 4.34 25.98
CA GLU C 77 14.38 3.41 26.12
C GLU C 77 13.31 3.57 25.05
N GLN C 78 13.58 4.38 24.03
CA GLN C 78 12.63 4.52 22.93
C GLN C 78 12.46 3.18 22.24
N LYS C 79 11.23 2.90 21.83
CA LYS C 79 10.93 1.68 21.07
C LYS C 79 10.36 2.03 19.70
N VAL C 80 10.54 1.12 18.74
CA VAL C 80 9.99 1.29 17.41
C VAL C 80 9.15 0.06 17.07
N VAL C 81 7.93 0.28 16.56
CA VAL C 81 7.10 -0.81 16.07
C VAL C 81 6.66 -0.55 14.63
N GLY C 82 6.40 -1.61 13.89
CA GLY C 82 5.89 -1.46 12.53
C GLY C 82 4.45 -1.01 12.64
N LEU C 83 4.08 0.01 11.86
CA LEU C 83 2.73 0.54 11.88
C LEU C 83 1.94 0.17 10.62
N GLU C 84 2.60 0.30 9.47
CA GLU C 84 2.01 -0.09 8.18
C GLU C 84 3.14 -0.58 7.29
N ILE C 85 2.90 -1.68 6.60
CA ILE C 85 3.87 -2.15 5.61
C ILE C 85 3.15 -2.48 4.33
N ASN C 86 3.83 -2.29 3.22
CA ASN C 86 3.24 -2.64 1.95
C ASN C 86 4.33 -3.06 0.99
N ALA C 87 3.97 -3.88 0.01
CA ALA C 87 4.97 -4.36 -0.93
C ALA C 87 4.37 -4.73 -2.26
N ASN C 88 5.18 -4.59 -3.31
CA ASN C 88 4.83 -5.15 -4.60
C ASN C 88 5.75 -6.32 -4.90
N HIS C 89 5.17 -7.44 -5.32
CA HIS C 89 5.96 -8.62 -5.69
C HIS C 89 6.22 -8.58 -7.18
N VAL C 90 7.38 -8.06 -7.59
CA VAL C 90 7.62 -7.83 -9.02
C VAL C 90 8.28 -9.01 -9.72
N ARG C 91 9.02 -9.83 -8.98
CA ARG C 91 9.61 -11.04 -9.56
C ARG C 91 9.64 -12.18 -8.55
N SER C 92 9.39 -13.39 -9.02
CA SER C 92 9.49 -14.56 -8.17
C SER C 92 10.96 -14.96 -7.99
N ALA C 93 11.22 -15.76 -6.96
CA ALA C 93 12.53 -16.37 -6.75
C ALA C 93 12.29 -17.80 -6.29
N ARG C 94 13.20 -18.72 -6.62
CA ARG C 94 12.97 -20.14 -6.30
C ARG C 94 14.10 -20.81 -5.50
N GLU C 95 15.26 -20.17 -5.47
CA GLU C 95 16.42 -20.75 -4.78
C GLU C 95 17.45 -19.68 -4.42
N GLY C 96 18.50 -20.08 -3.71
CA GLY C 96 19.56 -19.16 -3.30
C GLY C 96 19.16 -18.30 -2.12
N ARG C 97 19.69 -17.08 -2.09
CA ARG C 97 19.31 -16.09 -1.08
C ARG C 97 18.87 -14.81 -1.77
N VAL C 98 18.01 -14.04 -1.12
CA VAL C 98 17.69 -12.71 -1.61
C VAL C 98 18.27 -11.70 -0.65
N ARG C 99 18.49 -10.48 -1.13
CA ARG C 99 19.14 -9.45 -0.32
C ARG C 99 18.25 -8.22 -0.28
N GLY C 100 17.96 -7.74 0.93
CA GLY C 100 17.16 -6.55 1.10
C GLY C 100 18.05 -5.35 1.38
N VAL C 101 17.75 -4.24 0.71
CA VAL C 101 18.52 -3.01 0.87
C VAL C 101 17.57 -1.92 1.35
N CYS C 102 17.85 -1.35 2.52
CA CYS C 102 16.91 -0.45 3.19
C CYS C 102 17.48 0.95 3.33
N LYS C 103 16.69 1.95 2.96
N LYS C 103 16.66 1.94 2.98
CA LYS C 103 17.11 3.34 3.16
CA LYS C 103 17.02 3.35 3.10
C LYS C 103 15.94 4.12 3.77
C LYS C 103 15.89 4.14 3.75
N PRO C 104 16.22 5.20 4.49
CA PRO C 104 15.17 6.01 5.10
C PRO C 104 14.46 6.89 4.07
N LEU C 105 13.15 7.06 4.20
CA LEU C 105 12.43 8.05 3.41
C LEU C 105 12.04 9.22 4.32
N HIS C 106 11.84 8.90 5.60
CA HIS C 106 11.48 9.92 6.60
C HIS C 106 11.95 9.50 8.00
N LEU C 107 12.69 10.37 8.68
CA LEU C 107 13.04 10.11 10.07
C LEU C 107 12.43 11.21 10.95
N GLY C 108 11.26 10.93 11.51
CA GLY C 108 10.54 11.96 12.25
C GLY C 108 10.68 11.80 13.74
N SER C 109 9.99 12.64 14.50
CA SER C 109 10.02 12.58 15.94
C SER C 109 9.14 11.43 16.44
N ARG C 110 8.12 11.07 15.66
CA ARG C 110 7.16 10.07 16.13
C ARG C 110 6.92 8.93 15.16
N HIS C 111 7.28 9.15 13.90
CA HIS C 111 7.15 8.12 12.87
C HIS C 111 8.37 8.13 11.96
N GLN C 112 8.53 7.04 11.22
CA GLN C 112 9.57 6.92 10.22
C GLN C 112 8.99 6.20 9.04
N VAL C 113 9.61 6.37 7.89
CA VAL C 113 9.26 5.62 6.69
C VAL C 113 10.53 5.10 6.10
N TRP C 114 10.54 3.80 5.80
CA TRP C 114 11.72 3.15 5.25
C TRP C 114 11.34 2.53 3.93
N GLN C 115 12.30 2.52 2.99
CA GLN C 115 12.11 1.87 1.70
C GLN C 115 13.03 0.67 1.66
N ILE C 116 12.48 -0.50 1.39
CA ILE C 116 13.28 -1.71 1.31
C ILE C 116 13.10 -2.35 -0.05
N GLU C 117 14.20 -2.49 -0.79
CA GLU C 117 14.21 -3.18 -2.08
C GLU C 117 14.91 -4.50 -1.92
N ILE C 118 14.32 -5.56 -2.46
CA ILE C 118 14.83 -6.92 -2.26
C ILE C 118 15.19 -7.53 -3.60
N PHE C 119 16.45 -7.98 -3.71
CA PHE C 119 17.00 -8.48 -4.97
C PHE C 119 17.36 -9.96 -4.92
N ASP C 120 17.26 -10.64 -6.06
CA ASP C 120 17.76 -12.02 -6.16
C ASP C 120 19.27 -12.00 -6.36
N GLU C 121 19.89 -13.16 -6.55
N GLU C 121 19.88 -13.16 -6.57
CA GLU C 121 21.35 -13.26 -6.65
CA GLU C 121 21.33 -13.27 -6.65
C GLU C 121 21.91 -12.75 -7.98
C GLU C 121 21.90 -12.73 -7.96
N LYS C 122 21.03 -12.50 -8.93
CA LYS C 122 21.43 -11.90 -10.20
C LYS C 122 21.23 -10.40 -10.16
N GLY C 123 20.85 -9.88 -8.99
CA GLY C 123 20.66 -8.46 -8.79
C GLY C 123 19.35 -7.90 -9.33
N ARG C 124 18.41 -8.79 -9.64
CA ARG C 124 17.11 -8.38 -10.17
C ARG C 124 16.15 -8.09 -9.04
N LEU C 125 15.38 -7.01 -9.17
CA LEU C 125 14.41 -6.64 -8.14
C LEU C 125 13.31 -7.69 -8.07
N CYS C 126 12.97 -8.10 -6.86
CA CYS C 126 11.95 -9.11 -6.65
C CYS C 126 10.78 -8.57 -5.83
N CYS C 127 11.10 -7.66 -4.91
CA CYS C 127 10.09 -7.05 -4.05
C CYS C 127 10.51 -5.61 -3.74
N SER C 128 9.57 -4.68 -3.90
CA SER C 128 9.81 -3.32 -3.48
C SER C 128 8.80 -3.03 -2.38
N SER C 129 9.32 -2.59 -1.23
CA SER C 129 8.52 -2.49 -0.01
C SER C 129 8.73 -1.15 0.69
N ARG C 130 7.68 -0.65 1.31
CA ARG C 130 7.72 0.58 2.09
C ARG C 130 7.16 0.24 3.47
N LEU C 131 7.87 0.68 4.51
CA LEU C 131 7.48 0.43 5.90
C LEU C 131 7.35 1.75 6.64
N THR C 132 6.22 1.93 7.34
CA THR C 132 6.05 3.04 8.26
C THR C 132 6.12 2.51 9.68
N THR C 133 6.91 3.16 10.53
CA THR C 133 7.02 2.75 11.93
C THR C 133 6.45 3.83 12.83
N ALA C 134 6.19 3.47 14.07
CA ALA C 134 5.84 4.44 15.09
C ALA C 134 6.90 4.35 16.19
N ILE C 135 7.34 5.51 16.67
CA ILE C 135 8.30 5.56 17.76
C ILE C 135 7.51 5.69 19.07
N LEU C 136 7.80 4.81 20.03
CA LEU C 136 7.04 4.77 21.27
C LEU C 136 7.92 5.09 22.48
N MET D 1 -21.38 -20.34 -3.43
CA MET D 1 -20.01 -20.20 -2.95
C MET D 1 -19.18 -19.46 -3.98
N ILE D 2 -18.03 -18.96 -3.56
CA ILE D 2 -17.10 -18.29 -4.46
C ILE D 2 -16.08 -19.28 -5.04
N TRP D 3 -15.91 -20.43 -4.39
CA TRP D 3 -14.88 -21.39 -4.81
C TRP D 3 -15.16 -22.01 -6.18
N LYS D 4 -14.09 -22.34 -6.91
CA LYS D 4 -14.21 -23.07 -8.16
C LYS D 4 -13.48 -24.39 -8.03
N ARG D 5 -12.68 -24.52 -6.98
CA ARG D 5 -11.97 -25.76 -6.72
C ARG D 5 -12.56 -26.42 -5.49
N LYS D 6 -12.75 -27.74 -5.55
CA LYS D 6 -13.23 -28.48 -4.39
C LYS D 6 -12.05 -28.85 -3.49
N ILE D 7 -12.20 -28.62 -2.19
CA ILE D 7 -11.18 -28.99 -1.23
C ILE D 7 -11.73 -29.07 0.17
N THR D 8 -11.13 -29.92 0.99
CA THR D 8 -11.46 -30.05 2.40
C THR D 8 -10.36 -29.37 3.19
N LEU D 9 -10.66 -28.97 4.42
CA LEU D 9 -9.66 -28.43 5.34
C LEU D 9 -8.42 -29.33 5.36
N GLU D 10 -8.68 -30.64 5.47
CA GLU D 10 -7.61 -31.62 5.58
C GLU D 10 -6.64 -31.53 4.40
N ALA D 11 -7.18 -31.55 3.18
CA ALA D 11 -6.33 -31.44 2.00
C ALA D 11 -5.66 -30.07 1.91
N LEU D 12 -6.38 -29.05 2.37
CA LEU D 12 -5.89 -27.68 2.41
C LEU D 12 -4.70 -27.55 3.38
N ASN D 13 -4.86 -28.05 4.59
CA ASN D 13 -3.76 -28.07 5.55
C ASN D 13 -2.56 -28.90 5.08
N ALA D 14 -2.81 -29.95 4.31
CA ALA D 14 -1.71 -30.77 3.79
C ALA D 14 -0.81 -29.99 2.82
N MET D 15 -1.36 -28.92 2.22
CA MET D 15 -0.61 -28.11 1.26
C MET D 15 0.60 -27.44 1.90
N GLY D 16 0.48 -27.12 3.18
CA GLY D 16 1.50 -26.36 3.89
C GLY D 16 2.69 -27.20 4.34
N GLU D 17 2.56 -28.52 4.21
CA GLU D 17 3.61 -29.42 4.69
C GLU D 17 4.91 -29.23 3.92
N GLY D 18 5.99 -28.97 4.64
CA GLY D 18 7.28 -28.82 4.02
C GLY D 18 7.52 -27.47 3.35
N ASN D 19 6.69 -26.47 3.66
CA ASN D 19 6.95 -25.10 3.22
C ASN D 19 6.66 -24.09 4.32
N MET D 20 6.69 -22.80 3.99
CA MET D 20 6.55 -21.78 5.04
C MET D 20 5.26 -21.91 5.86
N VAL D 21 4.17 -22.29 5.19
CA VAL D 21 2.88 -22.39 5.85
C VAL D 21 2.98 -23.40 7.00
N GLY D 22 3.53 -24.58 6.70
CA GLY D 22 3.72 -25.58 7.74
C GLY D 22 4.74 -25.19 8.79
N PHE D 23 5.82 -24.53 8.39
CA PHE D 23 6.87 -24.17 9.34
C PHE D 23 6.40 -23.17 10.38
N LEU D 24 5.38 -22.40 10.03
CA LEU D 24 4.90 -21.40 10.95
C LEU D 24 3.66 -21.92 11.67
N ASP D 25 3.35 -23.20 11.45
CA ASP D 25 2.18 -23.84 12.04
C ASP D 25 0.92 -23.03 11.76
N ILE D 26 0.77 -22.61 10.51
CA ILE D 26 -0.45 -21.95 10.07
C ILE D 26 -1.50 -23.03 9.79
N ARG D 27 -2.63 -22.95 10.48
CA ARG D 27 -3.65 -23.99 10.39
C ARG D 27 -4.99 -23.46 9.91
N PHE D 28 -5.44 -23.95 8.76
CA PHE D 28 -6.76 -23.60 8.26
C PHE D 28 -7.83 -24.31 9.10
N GLU D 29 -8.81 -23.54 9.57
CA GLU D 29 -9.79 -24.05 10.53
C GLU D 29 -11.24 -23.95 10.07
N HIS D 30 -11.50 -23.12 9.06
CA HIS D 30 -12.86 -22.98 8.56
C HIS D 30 -12.87 -22.51 7.11
N ILE D 31 -13.64 -23.21 6.29
CA ILE D 31 -13.92 -22.77 4.93
C ILE D 31 -15.40 -22.44 4.89
N GLY D 32 -15.74 -21.17 4.72
CA GLY D 32 -17.13 -20.76 4.58
C GLY D 32 -17.49 -20.69 3.10
N ASP D 33 -18.72 -20.29 2.82
CA ASP D 33 -19.15 -20.13 1.42
C ASP D 33 -18.35 -19.03 0.74
N ASP D 34 -17.98 -18.01 1.51
CA ASP D 34 -17.21 -16.90 0.96
C ASP D 34 -16.12 -16.41 1.92
N THR D 35 -15.73 -17.25 2.88
CA THR D 35 -14.67 -16.88 3.82
C THR D 35 -13.70 -18.03 4.04
N LEU D 36 -12.51 -17.68 4.49
CA LEU D 36 -11.48 -18.67 4.79
C LEU D 36 -10.76 -18.20 6.03
N GLU D 37 -10.61 -19.10 7.00
CA GLU D 37 -9.99 -18.75 8.27
C GLU D 37 -8.83 -19.68 8.59
N ALA D 38 -7.76 -19.12 9.15
CA ALA D 38 -6.61 -19.90 9.61
C ALA D 38 -5.99 -19.24 10.83
N THR D 39 -5.33 -20.03 11.67
CA THR D 39 -4.69 -19.49 12.87
C THR D 39 -3.20 -19.70 12.80
N MET D 40 -2.46 -18.98 13.64
CA MET D 40 -1.00 -19.01 13.64
C MET D 40 -0.51 -18.70 15.05
N PRO D 41 0.53 -19.42 15.51
CA PRO D 41 1.00 -19.16 16.88
C PRO D 41 1.90 -17.95 16.99
N VAL D 42 1.90 -17.33 18.16
CA VAL D 42 2.84 -16.26 18.49
C VAL D 42 3.95 -16.89 19.35
N ASP D 43 5.04 -17.29 18.72
CA ASP D 43 6.14 -17.88 19.47
C ASP D 43 7.47 -17.54 18.81
N SER D 44 8.56 -18.21 19.21
CA SER D 44 9.87 -17.92 18.65
C SER D 44 9.92 -17.95 17.10
N ARG D 45 9.06 -18.74 16.48
CA ARG D 45 9.04 -18.84 15.02
C ARG D 45 8.45 -17.61 14.35
N THR D 46 7.68 -16.84 15.10
CA THR D 46 6.91 -15.73 14.52
C THR D 46 7.06 -14.40 15.27
N LYS D 47 7.95 -14.35 16.27
CA LYS D 47 8.16 -13.12 17.03
C LYS D 47 9.30 -12.25 16.52
N GLN D 48 9.31 -11.00 16.93
CA GLN D 48 10.42 -10.08 16.63
C GLN D 48 11.25 -9.92 17.91
N PRO D 49 12.43 -9.26 17.84
CA PRO D 49 13.33 -9.40 18.99
C PRO D 49 12.88 -8.74 20.29
N PHE D 50 11.78 -8.00 20.27
CA PHE D 50 11.34 -7.37 21.49
C PHE D 50 10.12 -8.06 22.09
N GLY D 51 9.79 -9.24 21.58
CA GLY D 51 8.76 -10.08 22.17
C GLY D 51 7.38 -10.01 21.55
N LEU D 52 7.26 -9.23 20.48
CA LEU D 52 5.96 -9.05 19.84
C LEU D 52 5.83 -10.00 18.67
N LEU D 53 4.60 -10.26 18.26
CA LEU D 53 4.35 -10.95 17.00
C LEU D 53 4.98 -10.10 15.90
N HIS D 54 5.82 -10.73 15.08
CA HIS D 54 6.54 -10.03 14.01
C HIS D 54 5.51 -9.53 12.99
N GLY D 55 5.62 -8.27 12.56
CA GLY D 55 4.68 -7.74 11.59
C GLY D 55 4.66 -8.56 10.31
N GLY D 56 5.84 -9.06 9.94
CA GLY D 56 5.97 -9.90 8.77
C GLY D 56 5.25 -11.23 8.93
N ALA D 57 5.27 -11.77 10.14
CA ALA D 57 4.55 -13.01 10.40
C ALA D 57 3.06 -12.78 10.14
N SER D 58 2.53 -11.64 10.59
CA SER D 58 1.11 -11.35 10.31
C SER D 58 0.85 -11.30 8.80
N VAL D 59 1.76 -10.69 8.06
CA VAL D 59 1.62 -10.65 6.60
C VAL D 59 1.79 -12.03 5.95
N VAL D 60 2.68 -12.87 6.49
CA VAL D 60 2.73 -14.24 5.98
C VAL D 60 1.37 -14.92 6.12
N LEU D 61 0.73 -14.71 7.26
CA LEU D 61 -0.58 -15.32 7.50
C LEU D 61 -1.59 -14.75 6.50
N ALA D 62 -1.59 -13.43 6.31
CA ALA D 62 -2.52 -12.82 5.36
C ALA D 62 -2.30 -13.31 3.93
N GLU D 63 -1.06 -13.26 3.45
CA GLU D 63 -0.79 -13.74 2.10
C GLU D 63 -1.05 -15.24 1.95
N SER D 64 -0.83 -16.02 3.02
CA SER D 64 -1.11 -17.46 2.95
C SER D 64 -2.60 -17.73 2.76
N ILE D 65 -3.43 -17.05 3.54
CA ILE D 65 -4.88 -17.28 3.43
C ILE D 65 -5.41 -16.70 2.14
N GLY D 66 -5.08 -15.43 1.88
CA GLY D 66 -5.55 -14.76 0.68
C GLY D 66 -5.14 -15.43 -0.63
N SER D 67 -3.89 -15.90 -0.69
CA SER D 67 -3.41 -16.49 -1.95
C SER D 67 -4.07 -17.83 -2.22
N VAL D 68 -4.25 -18.64 -1.18
CA VAL D 68 -4.87 -19.94 -1.41
C VAL D 68 -6.37 -19.78 -1.68
N ALA D 69 -7.00 -18.79 -1.04
CA ALA D 69 -8.40 -18.50 -1.31
C ALA D 69 -8.55 -18.06 -2.77
N GLY D 70 -7.57 -17.31 -3.26
CA GLY D 70 -7.59 -16.90 -4.65
C GLY D 70 -7.44 -18.09 -5.59
N TYR D 71 -6.53 -19.00 -5.24
CA TYR D 71 -6.30 -20.20 -6.05
C TYR D 71 -7.60 -21.00 -6.14
N LEU D 72 -8.28 -21.13 -5.01
CA LEU D 72 -9.52 -21.89 -4.93
C LEU D 72 -10.65 -21.24 -5.73
N CYS D 73 -10.44 -19.98 -6.11
CA CYS D 73 -11.43 -19.28 -6.93
C CYS D 73 -11.03 -19.28 -8.40
N THR D 74 -10.01 -20.07 -8.74
CA THR D 74 -9.66 -20.30 -10.13
C THR D 74 -9.94 -21.77 -10.48
N GLU D 75 -9.64 -22.15 -11.71
CA GLU D 75 -9.90 -23.52 -12.14
C GLU D 75 -8.85 -24.03 -13.11
N GLY D 76 -8.67 -25.35 -13.12
CA GLY D 76 -7.78 -25.96 -14.08
C GLY D 76 -6.33 -25.58 -13.85
N GLU D 77 -5.64 -25.21 -14.92
CA GLU D 77 -4.22 -24.90 -14.82
C GLU D 77 -3.95 -23.42 -14.54
N GLN D 78 -5.01 -22.70 -14.18
CA GLN D 78 -4.90 -21.30 -13.78
C GLN D 78 -4.07 -21.20 -12.50
N LYS D 79 -3.14 -20.25 -12.49
CA LYS D 79 -2.34 -19.99 -11.30
C LYS D 79 -2.68 -18.61 -10.74
N VAL D 80 -2.39 -18.42 -9.46
CA VAL D 80 -2.61 -17.14 -8.80
C VAL D 80 -1.29 -16.77 -8.14
N VAL D 81 -0.87 -15.52 -8.28
CA VAL D 81 0.28 -15.06 -7.52
C VAL D 81 -0.02 -13.74 -6.82
N GLY D 82 0.65 -13.50 -5.71
CA GLY D 82 0.51 -12.25 -4.99
C GLY D 82 1.17 -11.13 -5.77
N LEU D 83 0.47 -10.00 -5.88
CA LEU D 83 0.99 -8.88 -6.65
C LEU D 83 1.28 -7.67 -5.77
N GLU D 84 0.27 -7.23 -5.01
CA GLU D 84 0.45 -6.16 -4.02
C GLU D 84 -0.07 -6.64 -2.68
N ILE D 85 0.57 -6.18 -1.61
CA ILE D 85 0.09 -6.48 -0.26
C ILE D 85 0.26 -5.23 0.57
N ASN D 86 -0.70 -4.94 1.44
CA ASN D 86 -0.49 -3.89 2.42
C ASN D 86 -1.16 -4.32 3.70
N ALA D 87 -0.65 -3.84 4.83
CA ALA D 87 -1.12 -4.33 6.11
C ALA D 87 -0.94 -3.27 7.17
N ASN D 88 -2.00 -3.00 7.93
CA ASN D 88 -1.89 -2.11 9.08
C ASN D 88 -1.74 -2.91 10.35
N HIS D 89 -0.66 -2.66 11.08
CA HIS D 89 -0.46 -3.29 12.37
C HIS D 89 -1.10 -2.39 13.43
N VAL D 90 -2.33 -2.71 13.82
CA VAL D 90 -3.09 -1.83 14.70
C VAL D 90 -2.93 -2.19 16.18
N ARG D 91 -2.58 -3.44 16.47
CA ARG D 91 -2.38 -3.86 17.85
C ARG D 91 -1.36 -5.00 17.91
N SER D 92 -0.51 -4.97 18.94
N SER D 92 -0.48 -4.96 18.91
CA SER D 92 0.50 -5.99 19.13
CA SER D 92 0.52 -6.01 19.04
C SER D 92 -0.11 -7.29 19.68
C SER D 92 -0.06 -7.26 19.71
N ALA D 93 0.61 -8.39 19.50
CA ALA D 93 0.23 -9.67 20.11
C ALA D 93 1.51 -10.26 20.70
N ARG D 94 1.38 -11.01 21.79
CA ARG D 94 2.56 -11.47 22.52
C ARG D 94 2.56 -12.96 22.83
N GLU D 95 1.39 -13.60 22.72
CA GLU D 95 1.27 -15.01 23.06
C GLU D 95 0.01 -15.66 22.47
N GLY D 96 -0.13 -16.97 22.66
CA GLY D 96 -1.29 -17.68 22.14
C GLY D 96 -1.27 -17.80 20.62
N ARG D 97 -2.45 -17.74 20.02
CA ARG D 97 -2.55 -17.83 18.58
C ARG D 97 -3.40 -16.68 18.06
N VAL D 98 -3.11 -16.21 16.85
CA VAL D 98 -3.94 -15.20 16.21
C VAL D 98 -4.74 -15.87 15.09
N ARG D 99 -5.90 -15.31 14.75
CA ARG D 99 -6.78 -15.90 13.73
C ARG D 99 -6.97 -14.92 12.59
N GLY D 100 -6.67 -15.36 11.37
CA GLY D 100 -6.89 -14.54 10.20
C GLY D 100 -8.23 -14.91 9.57
N VAL D 101 -9.02 -13.89 9.26
CA VAL D 101 -10.30 -14.10 8.57
C VAL D 101 -10.26 -13.37 7.24
N CYS D 102 -10.41 -14.13 6.16
CA CYS D 102 -10.24 -13.59 4.82
C CYS D 102 -11.55 -13.59 4.03
N LYS D 103 -11.85 -12.44 3.42
CA LYS D 103 -13.06 -12.26 2.61
C LYS D 103 -12.70 -11.60 1.30
N PRO D 104 -13.48 -11.87 0.24
CA PRO D 104 -13.20 -11.21 -1.04
C PRO D 104 -13.69 -9.77 -1.06
N LEU D 105 -12.93 -8.88 -1.71
CA LEU D 105 -13.39 -7.53 -2.01
C LEU D 105 -13.74 -7.49 -3.49
N HIS D 106 -13.01 -8.26 -4.29
CA HIS D 106 -13.21 -8.27 -5.73
C HIS D 106 -12.67 -9.54 -6.36
N LEU D 107 -13.56 -10.28 -7.02
CA LEU D 107 -13.16 -11.48 -7.74
C LEU D 107 -13.38 -11.25 -9.22
N GLY D 108 -12.29 -10.99 -9.93
CA GLY D 108 -12.35 -10.68 -11.36
C GLY D 108 -11.76 -11.78 -12.18
N SER D 109 -11.77 -11.60 -13.49
CA SER D 109 -11.24 -12.62 -14.40
C SER D 109 -9.72 -12.70 -14.33
N ARG D 110 -9.06 -11.55 -14.16
CA ARG D 110 -7.58 -11.53 -14.22
C ARG D 110 -6.92 -11.07 -12.93
N HIS D 111 -7.71 -10.56 -11.99
CA HIS D 111 -7.17 -10.10 -10.70
C HIS D 111 -8.18 -10.29 -9.59
N GLN D 112 -7.68 -10.39 -8.36
CA GLN D 112 -8.56 -10.42 -7.20
C GLN D 112 -8.05 -9.47 -6.13
N VAL D 113 -8.96 -8.99 -5.29
CA VAL D 113 -8.58 -8.27 -4.08
C VAL D 113 -9.20 -8.97 -2.88
N TRP D 114 -8.37 -9.35 -1.92
CA TRP D 114 -8.81 -10.06 -0.74
C TRP D 114 -8.54 -9.21 0.50
N GLN D 115 -9.44 -9.28 1.48
CA GLN D 115 -9.22 -8.60 2.75
C GLN D 115 -8.97 -9.65 3.83
N ILE D 116 -7.91 -9.49 4.60
CA ILE D 116 -7.65 -10.39 5.71
C ILE D 116 -7.54 -9.60 7.00
N GLU D 117 -8.39 -9.93 7.97
CA GLU D 117 -8.32 -9.34 9.29
C GLU D 117 -7.80 -10.39 10.27
N ILE D 118 -6.84 -9.99 11.10
CA ILE D 118 -6.19 -10.92 12.02
C ILE D 118 -6.45 -10.48 13.45
N PHE D 119 -7.00 -11.38 14.26
CA PHE D 119 -7.46 -11.04 15.60
C PHE D 119 -6.67 -11.82 16.64
N ASP D 120 -6.60 -11.30 17.86
CA ASP D 120 -5.93 -12.06 18.91
C ASP D 120 -6.92 -13.01 19.58
N GLU D 121 -6.48 -13.72 20.63
CA GLU D 121 -7.33 -14.68 21.32
C GLU D 121 -8.52 -14.00 22.01
N LYS D 122 -8.37 -12.72 22.32
CA LYS D 122 -9.44 -11.96 22.97
C LYS D 122 -10.37 -11.33 21.94
N GLY D 123 -10.13 -11.62 20.66
CA GLY D 123 -10.98 -11.16 19.59
C GLY D 123 -10.72 -9.74 19.14
N ARG D 124 -9.60 -9.17 19.58
CA ARG D 124 -9.25 -7.80 19.21
C ARG D 124 -8.50 -7.76 17.87
N LEU D 125 -8.86 -6.80 17.01
CA LEU D 125 -8.16 -6.63 15.74
C LEU D 125 -6.70 -6.25 15.98
N CYS D 126 -5.79 -7.00 15.37
CA CYS D 126 -4.34 -6.73 15.48
C CYS D 126 -3.72 -6.34 14.15
N CYS D 127 -4.24 -6.92 13.06
CA CYS D 127 -3.77 -6.57 11.74
C CYS D 127 -4.90 -6.60 10.73
N SER D 128 -4.95 -5.58 9.88
CA SER D 128 -5.90 -5.54 8.78
C SER D 128 -5.07 -5.41 7.52
N SER D 129 -5.33 -6.26 6.53
CA SER D 129 -4.45 -6.38 5.37
C SER D 129 -5.24 -6.55 4.08
N ARG D 130 -4.65 -6.08 2.97
CA ARG D 130 -5.23 -6.27 1.64
C ARG D 130 -4.24 -6.85 0.66
N LEU D 131 -4.68 -7.91 -0.03
CA LEU D 131 -3.84 -8.63 -0.97
C LEU D 131 -4.47 -8.55 -2.35
N THR D 132 -3.69 -8.08 -3.31
CA THR D 132 -4.13 -8.04 -4.69
C THR D 132 -3.38 -9.14 -5.41
N THR D 133 -4.13 -10.02 -6.09
CA THR D 133 -3.50 -11.11 -6.82
C THR D 133 -3.66 -10.92 -8.32
N ALA D 134 -2.80 -11.59 -9.08
CA ALA D 134 -2.94 -11.68 -10.52
C ALA D 134 -3.22 -13.13 -10.86
N ILE D 135 -4.15 -13.35 -11.77
CA ILE D 135 -4.46 -14.70 -12.24
C ILE D 135 -3.67 -14.97 -13.53
N LEU D 136 -2.90 -16.05 -13.54
CA LEU D 136 -2.09 -16.40 -14.70
C LEU D 136 -2.68 -17.63 -15.38
#